data_8EL8
#
_entry.id   8EL8
#
_cell.length_a   1.00
_cell.length_b   1.00
_cell.length_c   1.00
_cell.angle_alpha   90.00
_cell.angle_beta   90.00
_cell.angle_gamma   90.00
#
_symmetry.space_group_name_H-M   'P 1'
#
loop_
_entity.id
_entity.type
_entity.pdbx_description
1 polymer 'Guanine nucleotide-binding protein G(olf) subunit alpha'
2 polymer 'Isoform 1 of Synembryn-B'
#
loop_
_entity_poly.entity_id
_entity_poly.type
_entity_poly.pdbx_seq_one_letter_code
_entity_poly.pdbx_strand_id
1 'polypeptide(L)'
;MGCLGGNSKTTEDQGVDEKERREANKKIEKQLQKERLAYKATHRLLLLGAGESGKSTIVKQMRILHVNGFNPEEKKQKIL
DIRKNVKDAIVTIVSAMSTIIPPVPLANPENQFRSDYIKSIAPITDFEYSQEFFDHVKKLWDDEGVKACFERSNEYQLID
CAQYFLERIDSVSLVDYTPTDQDLLRCRVLTSGIFETRFQVDKVNFHMFDVGGQRDERRKWIQCFNDVTAIIYVAACSSY
NMVIREDNNTNRLRESLDLFESIWNNRWLRTISIILFLNKQDMLAEKVLAGKSKIEDYFPEYANYTVPEDATPDAGEDPK
VTRAKFFIRDLFLRISTATGDGKHYCYPHFTCAVDTENIRRVFNDCRDIIQRMHLKQYELL
;
A
2 'polypeptide(L)'
;GEFMDEERALYIVRAGEAGAIERVLRDYSDKHRATFKFESADEDKRKKLCEGIFKVLVKEVPTTCQVSCLEVLRILSRDK
KILVPVTTKENMQILLRLAKLHESDDSLEKVSEFPVIVESLKCLCNIVFNSQMAQQLSLELNLAAKLCNLLRKCKDRKFI
NDIKCFDLRLLFVLSLLHTDIRSQLRYELQGLPLLTQILESAFSIKWTDEYESAIDHNGPPLSPQETDCAIEALKALFNV
TVDSWKVHKESDSHQFRVMAAVLRHCLLIVGPTEDKTEELHSNAVNLLSNVPVSCLDVLICPLTHEETAQEAATLDELPS
DKTTEKDTALKNSTMVYNGMNMEAIHVLLNFMEKRIDKGSSYREGLTPVLSLLTECSRAHRNIRKFLKDQVLPPLRDVTN
RPEVGSTVRNKLVRLMTHVDLGVKQIAAEFLFVLCKERVDSLLKYTGYGNAAGLLAARGLLAGGRGDNWY(SEP)EDED
(TPO)DTEEYKNAKPNINLITGHLEEPMPNPIDEMTEEQKEYEAMKLVNMLDKLSREELLKPMGLKPDGTITPLEEALSQ
YSVIEETSSDTD
;
B
#
# COMPACT_ATOMS: atom_id res chain seq x y z
N ARG A 44 14.61 39.43 -0.32
CA ARG A 44 14.62 38.89 1.04
C ARG A 44 13.21 38.49 1.48
N LEU A 45 13.13 37.66 2.51
CA LEU A 45 11.88 37.18 3.05
C LEU A 45 11.80 37.51 4.54
N LEU A 46 10.62 37.96 4.98
CA LEU A 46 10.44 38.42 6.35
C LEU A 46 9.72 37.35 7.17
N LEU A 47 10.24 37.08 8.37
CA LEU A 47 9.67 36.09 9.27
C LEU A 47 8.94 36.82 10.40
N LEU A 48 7.61 36.76 10.39
CA LEU A 48 6.78 37.43 11.38
C LEU A 48 6.00 36.42 12.21
N GLY A 49 6.55 35.22 12.38
CA GLY A 49 5.81 34.17 13.05
C GLY A 49 5.69 34.41 14.54
N ALA A 50 4.63 33.87 15.13
CA ALA A 50 4.37 34.02 16.55
C ALA A 50 4.50 32.68 17.26
N PHE A 206 19.46 34.55 -1.36
CA PHE A 206 18.35 34.57 -0.43
C PHE A 206 18.81 34.95 0.98
N HIS A 207 18.27 36.04 1.51
CA HIS A 207 18.58 36.51 2.85
C HIS A 207 17.31 36.46 3.69
N MET A 208 17.39 35.75 4.81
CA MET A 208 16.26 35.61 5.72
C MET A 208 16.49 36.45 6.97
N PHE A 209 15.50 37.23 7.36
CA PHE A 209 15.60 38.09 8.52
C PHE A 209 14.33 37.98 9.35
N ASP A 210 14.47 38.28 10.64
CA ASP A 210 13.36 38.23 11.59
C ASP A 210 12.99 39.64 12.02
N VAL A 211 11.72 39.96 11.89
CA VAL A 211 11.23 41.29 12.27
C VAL A 211 10.24 41.17 13.42
N VAL A 228 11.73 43.26 0.16
CA VAL A 228 10.81 42.21 0.57
C VAL A 228 10.13 41.61 -0.67
N THR A 229 9.99 40.29 -0.69
CA THR A 229 9.39 39.60 -1.82
C THR A 229 8.30 38.63 -1.36
N ALA A 230 8.44 38.10 -0.14
CA ALA A 230 7.45 37.18 0.39
C ALA A 230 7.46 37.28 1.92
N ILE A 231 6.36 36.84 2.53
CA ILE A 231 6.18 36.87 3.97
C ILE A 231 5.95 35.44 4.45
N ILE A 232 6.71 35.02 5.45
CA ILE A 232 6.54 33.71 6.08
C ILE A 232 5.91 33.92 7.44
N TYR A 233 4.71 33.39 7.62
CA TYR A 233 3.91 33.60 8.82
C TYR A 233 3.54 32.24 9.39
N VAL A 234 3.87 31.99 10.65
CA VAL A 234 3.62 30.71 11.31
C VAL A 234 2.79 30.96 12.57
N ALA A 235 1.76 30.14 12.76
CA ALA A 235 0.88 30.24 13.91
C ALA A 235 0.48 28.85 14.37
N ALA A 236 0.61 28.58 15.67
CA ALA A 236 0.28 27.28 16.21
C ALA A 236 -1.21 27.00 16.09
N CYS A 237 -1.55 25.80 15.62
CA CYS A 237 -2.94 25.47 15.35
C CYS A 237 -3.64 24.82 16.54
N SER A 238 -2.95 24.54 17.63
CA SER A 238 -3.54 23.90 18.79
C SER A 238 -3.76 24.86 19.95
N SER A 239 -4.03 26.13 19.67
CA SER A 239 -4.23 27.13 20.70
C SER A 239 -5.69 27.53 20.86
N TYR A 240 -6.61 26.81 20.22
CA TYR A 240 -8.02 27.19 20.31
C TYR A 240 -8.54 27.06 21.73
N ASN A 241 -8.15 26.00 22.45
CA ASN A 241 -8.62 25.81 23.82
C ASN A 241 -8.00 26.83 24.75
N MET A 242 -6.74 27.19 24.52
CA MET A 242 -6.07 28.14 25.41
C MET A 242 -6.72 29.51 25.32
N VAL A 243 -6.91 30.14 26.47
CA VAL A 243 -7.56 31.44 26.53
C VAL A 243 -6.84 32.37 27.49
N ASN A 251 -9.79 34.05 22.66
CA ASN A 251 -8.64 33.15 22.73
C ASN A 251 -7.54 33.56 21.77
N ARG A 252 -6.49 32.73 21.66
CA ARG A 252 -5.34 33.11 20.86
C ARG A 252 -5.58 32.94 19.36
N LEU A 253 -6.37 31.94 18.97
CA LEU A 253 -6.62 31.72 17.54
C LEU A 253 -7.34 32.90 16.92
N ARG A 254 -8.26 33.52 17.67
CA ARG A 254 -8.93 34.72 17.17
C ARG A 254 -7.93 35.85 16.96
N GLU A 255 -6.97 36.01 17.88
CA GLU A 255 -5.95 37.04 17.68
C GLU A 255 -5.11 36.75 16.44
N SER A 256 -4.76 35.49 16.22
CA SER A 256 -3.98 35.14 15.03
C SER A 256 -4.75 35.45 13.76
N LEU A 257 -6.04 35.11 13.73
CA LEU A 257 -6.85 35.39 12.54
C LEU A 257 -6.98 36.89 12.31
N ASP A 258 -7.14 37.67 13.38
CA ASP A 258 -7.23 39.12 13.23
C ASP A 258 -5.94 39.69 12.67
N LEU A 259 -4.78 39.23 13.17
CA LEU A 259 -3.51 39.72 12.63
C LEU A 259 -3.33 39.33 11.17
N PHE A 260 -3.70 38.10 10.81
CA PHE A 260 -3.59 37.66 9.43
C PHE A 260 -4.46 38.50 8.50
N GLU A 261 -5.70 38.77 8.92
CA GLU A 261 -6.57 39.60 8.09
C GLU A 261 -6.10 41.03 8.03
N SER A 262 -5.37 41.51 9.05
CA SER A 262 -4.81 42.84 8.98
C SER A 262 -3.67 42.92 7.96
N ILE A 263 -2.76 41.93 7.99
CA ILE A 263 -1.62 41.97 7.08
C ILE A 263 -2.06 41.73 5.64
N TRP A 264 -2.97 40.79 5.42
CA TRP A 264 -3.35 40.42 4.05
C TRP A 264 -4.02 41.57 3.32
N ASN A 265 -4.87 42.34 3.99
CA ASN A 265 -5.66 43.38 3.35
C ASN A 265 -4.96 44.73 3.31
N ASN A 266 -3.70 44.83 3.70
CA ASN A 266 -3.03 46.13 3.60
C ASN A 266 -2.89 46.58 2.15
N ARG A 267 -2.65 47.87 1.92
CA ARG A 267 -2.49 48.40 0.56
C ARG A 267 -1.04 48.60 0.16
N TRP A 268 -0.16 48.81 1.13
CA TRP A 268 1.25 48.92 0.84
C TRP A 268 1.76 47.59 0.30
N LEU A 269 1.23 46.48 0.81
CA LEU A 269 1.61 45.15 0.32
C LEU A 269 0.46 44.52 -0.45
N ARG A 270 0.27 44.87 -1.71
CA ARG A 270 -0.81 44.38 -2.54
C ARG A 270 -0.35 43.43 -3.64
N THR A 271 0.95 43.18 -3.76
CA THR A 271 1.49 42.25 -4.74
C THR A 271 2.30 41.12 -4.12
N ILE A 272 2.53 41.14 -2.82
CA ILE A 272 3.36 40.14 -2.16
C ILE A 272 2.51 38.96 -1.73
N SER A 273 3.03 37.75 -1.93
CA SER A 273 2.36 36.52 -1.54
C SER A 273 2.71 36.16 -0.10
N ILE A 274 1.93 35.25 0.47
CA ILE A 274 2.09 34.84 1.87
C ILE A 274 2.22 33.33 1.93
N ILE A 275 3.23 32.86 2.68
CA ILE A 275 3.45 31.45 2.94
C ILE A 275 3.11 31.19 4.40
N LEU A 276 2.14 30.31 4.64
CA LEU A 276 1.57 30.08 5.96
C LEU A 276 1.97 28.70 6.45
N PHE A 277 2.45 28.61 7.69
CA PHE A 277 2.89 27.36 8.29
C PHE A 277 2.01 27.05 9.50
N LEU A 278 1.46 25.84 9.55
CA LEU A 278 0.58 25.42 10.63
C LEU A 278 1.22 24.22 11.33
N ASN A 279 1.92 24.49 12.44
CA ASN A 279 2.67 23.45 13.13
C ASN A 279 1.93 22.97 14.38
N LYS A 280 2.61 22.13 15.16
CA LYS A 280 2.05 21.55 16.39
C LYS A 280 0.78 20.76 16.11
N GLN A 281 0.84 19.86 15.12
CA GLN A 281 -0.33 19.07 14.77
C GLN A 281 -0.60 17.97 15.79
N ASP A 282 0.47 17.36 16.30
CA ASP A 282 0.30 16.22 17.21
C ASP A 282 -0.36 16.63 18.51
N MET A 283 -0.02 17.80 19.04
CA MET A 283 -0.64 18.29 20.25
C MET A 283 -2.14 18.47 20.06
N LEU A 284 -2.54 19.02 18.91
CA LEU A 284 -3.96 19.15 18.62
C LEU A 284 -4.63 17.80 18.51
N ALA A 285 -3.95 16.83 17.89
CA ALA A 285 -4.54 15.49 17.78
C ALA A 285 -4.79 14.91 19.16
N GLU A 286 -3.81 15.03 20.07
CA GLU A 286 -3.99 14.52 21.42
C GLU A 286 -5.10 15.25 22.16
N LYS A 287 -5.16 16.58 22.01
CA LYS A 287 -6.17 17.37 22.72
C LYS A 287 -7.57 17.02 22.24
N VAL A 288 -7.75 16.83 20.93
CA VAL A 288 -9.08 16.51 20.44
C VAL A 288 -9.45 15.07 20.74
N LEU A 289 -8.47 14.16 20.83
CA LEU A 289 -8.80 12.78 21.19
C LEU A 289 -9.10 12.64 22.67
N ALA A 290 -8.53 13.50 23.53
CA ALA A 290 -8.78 13.41 24.96
C ALA A 290 -10.25 13.67 25.29
N GLY A 291 -10.85 14.66 24.66
CA GLY A 291 -12.26 14.95 24.85
C GLY A 291 -12.59 15.80 26.05
N LYS A 292 -11.60 16.26 26.82
CA LYS A 292 -11.89 17.12 27.96
C LYS A 292 -12.47 18.47 27.53
N SER A 293 -11.91 19.07 26.49
CA SER A 293 -12.36 20.36 25.98
C SER A 293 -12.85 20.22 24.56
N LYS A 294 -13.95 20.89 24.24
CA LYS A 294 -14.60 20.78 22.95
C LYS A 294 -14.46 22.08 22.17
N ILE A 295 -14.38 21.95 20.84
CA ILE A 295 -14.19 23.11 19.97
C ILE A 295 -15.39 24.05 20.05
N GLU A 296 -16.61 23.49 20.03
CA GLU A 296 -17.81 24.31 19.92
C GLU A 296 -18.00 25.24 21.10
N ASP A 297 -17.33 24.99 22.22
CA ASP A 297 -17.44 25.88 23.37
C ASP A 297 -16.75 27.22 23.12
N TYR A 298 -15.81 27.27 22.19
CA TYR A 298 -15.08 28.50 21.88
C TYR A 298 -15.32 29.02 20.47
N PHE A 299 -15.66 28.14 19.52
CA PHE A 299 -15.93 28.52 18.14
C PHE A 299 -17.32 28.02 17.78
N PRO A 300 -18.36 28.80 18.04
CA PRO A 300 -19.73 28.33 17.78
C PRO A 300 -20.00 28.03 16.31
N GLU A 301 -19.21 28.57 15.40
CA GLU A 301 -19.40 28.30 13.98
C GLU A 301 -19.00 26.88 13.60
N TYR A 302 -18.37 26.13 14.51
CA TYR A 302 -17.99 24.76 14.20
C TYR A 302 -19.20 23.91 13.84
N ALA A 303 -20.33 24.19 14.48
CA ALA A 303 -21.56 23.48 14.14
C ALA A 303 -22.05 23.90 12.76
N ASN A 304 -22.85 23.02 12.15
CA ASN A 304 -23.37 23.25 10.80
C ASN A 304 -22.25 23.47 9.80
N TYR A 305 -21.16 22.73 9.96
CA TYR A 305 -20.03 22.79 9.04
C TYR A 305 -20.11 21.62 8.07
N THR A 306 -20.05 21.92 6.78
CA THR A 306 -20.18 20.90 5.76
C THR A 306 -19.06 19.87 5.87
N VAL A 307 -19.41 18.61 5.65
CA VAL A 307 -18.44 17.51 5.70
C VAL A 307 -17.43 17.71 4.58
N PRO A 308 -16.16 17.30 4.77
CA PRO A 308 -15.11 17.46 3.76
C PRO A 308 -15.46 16.82 2.41
N GLU A 317 -6.64 8.47 10.39
CA GLU A 317 -6.71 8.45 11.86
C GLU A 317 -8.16 8.57 12.32
N ASP A 318 -8.33 9.08 13.55
CA ASP A 318 -9.66 9.21 14.10
C ASP A 318 -10.47 10.22 13.30
N PRO A 319 -11.78 9.99 13.11
CA PRO A 319 -12.58 10.91 12.30
C PRO A 319 -12.76 12.29 12.91
N LYS A 320 -12.42 12.47 14.18
CA LYS A 320 -12.58 13.76 14.86
C LYS A 320 -11.34 14.63 14.77
N VAL A 321 -10.33 14.23 14.00
CA VAL A 321 -9.11 15.01 13.83
C VAL A 321 -9.04 15.64 12.43
N THR A 322 -9.41 14.88 11.40
CA THR A 322 -9.39 15.44 10.05
C THR A 322 -10.36 16.61 9.92
N ARG A 323 -11.55 16.49 10.51
CA ARG A 323 -12.51 17.57 10.46
C ARG A 323 -11.96 18.81 11.15
N ALA A 324 -11.30 18.64 12.29
CA ALA A 324 -10.72 19.78 12.99
C ALA A 324 -9.63 20.45 12.16
N LYS A 325 -8.77 19.64 11.54
CA LYS A 325 -7.70 20.21 10.72
C LYS A 325 -8.26 20.98 9.53
N PHE A 326 -9.25 20.41 8.85
CA PHE A 326 -9.86 21.10 7.71
C PHE A 326 -10.53 22.39 8.15
N PHE A 327 -11.21 22.37 9.30
CA PHE A 327 -11.84 23.59 9.80
C PHE A 327 -10.81 24.67 10.09
N ILE A 328 -9.70 24.29 10.73
CA ILE A 328 -8.67 25.27 11.06
C ILE A 328 -8.06 25.85 9.79
N ARG A 329 -7.81 25.02 8.78
CA ARG A 329 -7.28 25.54 7.52
C ARG A 329 -8.27 26.48 6.85
N ASP A 330 -9.55 26.11 6.84
CA ASP A 330 -10.54 26.91 6.15
C ASP A 330 -10.75 28.26 6.81
N LEU A 331 -10.58 28.33 8.14
CA LEU A 331 -10.69 29.63 8.81
C LEU A 331 -9.72 30.64 8.20
N PHE A 332 -8.49 30.21 7.89
CA PHE A 332 -7.53 31.11 7.26
C PHE A 332 -7.82 31.29 5.77
N LEU A 333 -8.28 30.23 5.11
CA LEU A 333 -8.45 30.31 3.65
C LEU A 333 -9.59 31.26 3.26
N ARG A 334 -10.66 31.29 4.05
CA ARG A 334 -11.83 32.11 3.67
C ARG A 334 -11.49 33.60 3.71
N ILE A 335 -10.54 34.00 4.57
CA ILE A 335 -10.12 35.39 4.62
C ILE A 335 -9.44 35.80 3.32
N SER A 336 -8.58 34.93 2.79
CA SER A 336 -7.82 35.27 1.58
C SER A 336 -8.63 35.32 0.29
N THR A 337 -9.53 34.37 0.09
CA THR A 337 -10.28 34.30 -1.15
C THR A 337 -11.13 35.52 -1.42
N ALA A 338 -11.56 36.21 -0.37
CA ALA A 338 -12.48 37.33 -0.55
C ALA A 338 -11.96 38.47 -1.41
N THR A 339 -10.76 38.96 -1.14
CA THR A 339 -10.25 40.11 -1.85
C THR A 339 -8.82 39.93 -2.32
N GLY A 340 -8.40 40.70 -3.31
CA GLY A 340 -7.05 40.60 -3.83
C GLY A 340 -6.83 39.52 -4.86
N ASP A 341 -7.92 38.95 -5.38
CA ASP A 341 -7.83 37.89 -6.38
C ASP A 341 -7.05 38.24 -7.64
N GLY A 342 -6.02 37.46 -7.95
CA GLY A 342 -5.21 37.69 -9.13
C GLY A 342 -4.02 38.62 -8.99
N LYS A 343 -3.85 39.24 -7.83
CA LYS A 343 -2.67 40.05 -7.62
C LYS A 343 -1.69 39.46 -6.60
N HIS A 344 -2.13 38.45 -5.85
CA HIS A 344 -1.27 37.79 -4.87
C HIS A 344 -1.90 36.50 -4.43
N TYR A 345 -1.12 35.59 -3.84
CA TYR A 345 -1.64 34.27 -3.50
C TYR A 345 -1.16 33.85 -2.12
N CYS A 346 -1.75 32.77 -1.61
CA CYS A 346 -1.45 32.22 -0.29
C CYS A 346 -1.12 30.74 -0.41
N TYR A 347 -0.04 30.31 0.26
CA TYR A 347 0.41 28.92 0.22
C TYR A 347 0.44 28.32 1.61
N PRO A 348 -0.54 27.47 1.96
CA PRO A 348 -0.60 26.89 3.32
C PRO A 348 0.09 25.53 3.39
N HIS A 349 0.95 25.34 4.39
CA HIS A 349 1.66 24.09 4.60
C HIS A 349 1.50 23.66 6.05
N PHE A 350 1.25 22.37 6.26
CA PHE A 350 1.27 21.78 7.59
C PHE A 350 2.67 21.27 7.93
N THR A 351 3.16 21.64 9.10
CA THR A 351 4.48 21.22 9.54
C THR A 351 4.40 20.33 10.76
N ASN A 364 10.56 2.12 8.49
CA ASN A 364 10.00 2.83 7.35
C ASN A 364 8.47 2.80 7.41
N ASP A 365 7.84 3.87 6.92
CA ASP A 365 6.39 3.96 6.98
C ASP A 365 5.72 3.06 5.94
N CYS A 366 6.40 2.80 4.82
CA CYS A 366 5.78 2.01 3.75
C CYS A 366 5.46 0.59 4.20
N ARG A 367 6.39 -0.04 4.92
CA ARG A 367 6.15 -1.42 5.37
C ARG A 367 5.00 -1.49 6.36
N ASP A 368 4.95 -0.54 7.30
CA ASP A 368 3.85 -0.52 8.26
C ASP A 368 2.50 -0.28 7.56
N ILE A 369 2.48 0.63 6.59
CA ILE A 369 1.26 0.90 5.84
C ILE A 369 0.79 -0.37 5.14
N ILE A 370 1.71 -1.09 4.50
CA ILE A 370 1.32 -2.27 3.74
C ILE A 370 0.85 -3.38 4.68
N GLN A 371 1.50 -3.55 5.82
CA GLN A 371 1.08 -4.57 6.76
C GLN A 371 -0.31 -4.28 7.31
N ARG A 372 -0.58 -3.03 7.67
CA ARG A 372 -1.91 -2.68 8.17
C ARG A 372 -2.97 -2.88 7.09
N MET A 373 -2.66 -2.50 5.85
CA MET A 373 -3.61 -2.72 4.76
C MET A 373 -3.88 -4.20 4.56
N HIS A 374 -2.85 -5.04 4.70
CA HIS A 374 -3.04 -6.48 4.56
C HIS A 374 -3.96 -7.01 5.67
N LEU A 375 -3.77 -6.53 6.90
CA LEU A 375 -4.62 -6.98 8.00
C LEU A 375 -6.08 -6.57 7.81
N LYS A 376 -6.32 -5.31 7.45
CA LYS A 376 -7.70 -4.82 7.41
C LYS A 376 -8.51 -5.47 6.30
N GLN A 377 -7.89 -5.73 5.14
CA GLN A 377 -8.62 -6.15 3.96
C GLN A 377 -8.89 -7.64 3.89
N TYR A 378 -8.40 -8.43 4.85
CA TYR A 378 -8.59 -9.88 4.80
C TYR A 378 -10.06 -10.23 4.91
N GLU A 379 -10.51 -11.13 4.04
CA GLU A 379 -11.92 -11.53 3.97
C GLU A 379 -12.06 -13.00 4.30
N LEU A 380 -12.92 -13.32 5.25
CA LEU A 380 -13.13 -14.70 5.67
C LEU A 380 -13.80 -15.50 4.57
N LEU A 381 -13.38 -16.76 4.42
CA LEU A 381 -13.92 -17.62 3.38
C LEU A 381 -15.32 -18.10 3.73
N ASP B 5 -33.90 -25.43 14.22
CA ASP B 5 -33.20 -25.83 13.01
C ASP B 5 -32.04 -26.76 13.32
N GLU B 6 -31.17 -26.32 14.25
CA GLU B 6 -30.01 -27.12 14.61
C GLU B 6 -30.38 -28.34 15.45
N GLU B 7 -31.54 -28.33 16.10
CA GLU B 7 -31.93 -29.46 16.95
C GLU B 7 -32.20 -30.72 16.12
N ARG B 8 -33.00 -30.59 15.07
CA ARG B 8 -33.30 -31.74 14.22
C ARG B 8 -32.03 -32.24 13.53
N ALA B 9 -31.18 -31.32 13.08
CA ALA B 9 -29.94 -31.71 12.45
C ALA B 9 -29.05 -32.46 13.42
N LEU B 10 -28.94 -31.98 14.66
CA LEU B 10 -28.13 -32.68 15.64
C LEU B 10 -28.69 -34.06 15.96
N TYR B 11 -30.01 -34.18 16.06
CA TYR B 11 -30.61 -35.48 16.33
C TYR B 11 -30.35 -36.46 15.19
N ILE B 12 -30.48 -36.00 13.95
CA ILE B 12 -30.30 -36.91 12.83
C ILE B 12 -28.82 -37.22 12.62
N VAL B 13 -27.92 -36.33 13.05
CA VAL B 13 -26.50 -36.63 13.03
C VAL B 13 -26.16 -37.69 14.06
N ARG B 14 -26.70 -37.55 15.27
CA ARG B 14 -26.49 -38.56 16.30
C ARG B 14 -27.13 -39.89 15.95
N ALA B 15 -28.14 -39.89 15.07
CA ALA B 15 -28.76 -41.14 14.64
C ALA B 15 -27.75 -42.03 13.91
N GLY B 16 -26.97 -41.45 12.99
CA GLY B 16 -25.87 -42.15 12.35
C GLY B 16 -26.11 -42.69 10.96
N GLU B 17 -27.30 -42.47 10.38
CA GLU B 17 -27.57 -42.96 9.03
C GLU B 17 -26.74 -42.18 8.02
N ALA B 18 -26.05 -42.92 7.14
CA ALA B 18 -25.11 -42.28 6.22
C ALA B 18 -25.82 -41.42 5.19
N GLY B 19 -26.91 -41.94 4.61
CA GLY B 19 -27.60 -41.20 3.57
C GLY B 19 -28.30 -39.94 4.08
N ALA B 20 -28.88 -40.02 5.27
CA ALA B 20 -29.67 -38.91 5.78
C ALA B 20 -28.80 -37.68 6.06
N ILE B 21 -27.58 -37.91 6.55
CA ILE B 21 -26.68 -36.79 6.87
C ILE B 21 -26.30 -36.03 5.61
N GLU B 22 -25.98 -36.76 4.54
CA GLU B 22 -25.56 -36.12 3.30
C GLU B 22 -26.64 -35.21 2.72
N ARG B 23 -27.91 -35.43 3.07
CA ARG B 23 -28.98 -34.56 2.62
C ARG B 23 -29.28 -33.44 3.60
N VAL B 24 -29.33 -33.77 4.90
CA VAL B 24 -29.68 -32.75 5.90
C VAL B 24 -28.61 -31.68 5.96
N LEU B 25 -27.34 -32.09 6.02
CA LEU B 25 -26.25 -31.11 6.11
C LEU B 25 -26.15 -30.30 4.83
N ARG B 26 -26.39 -30.92 3.68
CA ARG B 26 -26.37 -30.17 2.42
C ARG B 26 -27.47 -29.12 2.39
N ASP B 27 -28.67 -29.47 2.86
CA ASP B 27 -29.75 -28.49 2.93
C ASP B 27 -29.40 -27.35 3.88
N TYR B 28 -28.81 -27.69 5.03
CA TYR B 28 -28.41 -26.65 5.98
C TYR B 28 -27.37 -25.72 5.38
N SER B 29 -26.41 -26.27 4.64
CA SER B 29 -25.40 -25.43 4.01
C SER B 29 -26.02 -24.57 2.92
N ASP B 30 -27.02 -25.09 2.21
CA ASP B 30 -27.68 -24.31 1.17
C ASP B 30 -28.45 -23.13 1.76
N LYS B 31 -29.15 -23.35 2.87
CA LYS B 31 -29.95 -22.28 3.45
C LYS B 31 -29.06 -21.14 3.97
N HIS B 32 -27.97 -21.47 4.65
CA HIS B 32 -27.05 -20.48 5.22
C HIS B 32 -25.78 -20.48 4.39
N ARG B 33 -25.62 -19.49 3.52
CA ARG B 33 -24.44 -19.44 2.67
C ARG B 33 -23.77 -18.08 2.68
N ALA B 34 -24.53 -17.03 2.99
CA ALA B 34 -24.02 -15.67 2.97
C ALA B 34 -24.29 -14.94 4.28
N THR B 35 -24.26 -15.66 5.38
CA THR B 35 -24.50 -15.06 6.69
C THR B 35 -23.17 -14.86 7.41
N PHE B 36 -22.98 -13.66 7.97
CA PHE B 36 -21.76 -13.33 8.69
C PHE B 36 -22.00 -12.74 10.07
N LYS B 37 -23.22 -12.32 10.39
CA LYS B 37 -23.57 -11.81 11.71
C LYS B 37 -24.54 -12.77 12.37
N PHE B 38 -24.21 -13.22 13.58
CA PHE B 38 -24.99 -14.22 14.29
C PHE B 38 -25.56 -13.63 15.58
N GLU B 39 -26.77 -14.05 15.92
CA GLU B 39 -27.42 -13.61 17.15
C GLU B 39 -27.11 -14.57 18.29
N SER B 40 -27.18 -14.05 19.52
CA SER B 40 -26.75 -14.79 20.69
C SER B 40 -27.81 -15.75 21.22
N ALA B 41 -29.01 -15.78 20.64
CA ALA B 41 -30.03 -16.72 21.10
C ALA B 41 -29.81 -18.12 20.56
N ASP B 42 -29.00 -18.29 19.52
CA ASP B 42 -28.78 -19.58 18.87
C ASP B 42 -27.42 -20.16 19.15
N GLU B 43 -26.70 -19.65 20.16
CA GLU B 43 -25.32 -20.06 20.35
C GLU B 43 -25.21 -21.52 20.77
N ASP B 44 -25.79 -21.87 21.93
CA ASP B 44 -25.55 -23.18 22.53
C ASP B 44 -25.83 -24.30 21.55
N LYS B 45 -27.03 -24.30 20.95
CA LYS B 45 -27.37 -25.33 19.99
C LYS B 45 -26.30 -25.45 18.91
N ARG B 46 -25.95 -24.31 18.29
CA ARG B 46 -24.89 -24.32 17.28
C ARG B 46 -23.65 -25.02 17.81
N LYS B 47 -23.19 -24.62 19.00
CA LYS B 47 -22.00 -25.22 19.56
C LYS B 47 -22.13 -26.74 19.61
N LYS B 48 -23.26 -27.24 20.11
CA LYS B 48 -23.45 -28.68 20.17
C LYS B 48 -23.28 -29.30 18.79
N LEU B 49 -23.94 -28.72 17.79
CA LEU B 49 -23.82 -29.23 16.42
C LEU B 49 -22.36 -29.33 16.02
N CYS B 50 -21.57 -28.29 16.30
CA CYS B 50 -20.17 -28.33 15.94
C CYS B 50 -19.49 -29.57 16.49
N GLU B 51 -19.65 -29.82 17.79
CA GLU B 51 -19.02 -30.99 18.38
C GLU B 51 -19.48 -32.26 17.69
N GLY B 52 -20.79 -32.35 17.41
CA GLY B 52 -21.31 -33.53 16.76
C GLY B 52 -20.61 -33.81 15.44
N ILE B 53 -20.32 -32.76 14.67
CA ILE B 53 -19.63 -32.95 13.40
C ILE B 53 -18.29 -33.62 13.62
N PHE B 54 -17.53 -33.15 14.59
CA PHE B 54 -16.19 -33.69 14.80
C PHE B 54 -16.27 -35.14 15.28
N LYS B 55 -17.44 -35.56 15.75
CA LYS B 55 -17.58 -36.93 16.23
C LYS B 55 -17.82 -37.90 15.09
N VAL B 56 -18.17 -37.40 13.90
CA VAL B 56 -18.49 -38.34 12.83
C VAL B 56 -17.34 -38.50 11.85
N LEU B 57 -16.39 -37.56 11.82
CA LEU B 57 -15.28 -37.66 10.89
C LEU B 57 -14.28 -38.73 11.29
N VAL B 58 -14.32 -39.21 12.53
CA VAL B 58 -13.38 -40.24 12.96
C VAL B 58 -13.66 -41.55 12.23
N LYS B 59 -14.93 -41.91 12.09
CA LYS B 59 -15.29 -43.16 11.43
C LYS B 59 -15.14 -43.03 9.91
N GLU B 60 -15.05 -44.18 9.24
CA GLU B 60 -14.96 -44.19 7.79
C GLU B 60 -16.32 -43.94 7.17
N VAL B 61 -16.37 -42.97 6.26
CA VAL B 61 -17.62 -42.60 5.57
C VAL B 61 -17.31 -42.31 4.11
N PRO B 62 -18.33 -42.36 3.25
CA PRO B 62 -18.12 -41.98 1.85
C PRO B 62 -17.66 -40.54 1.71
N THR B 63 -17.07 -40.25 0.55
CA THR B 63 -16.42 -38.96 0.34
C THR B 63 -17.42 -37.80 0.36
N THR B 64 -18.60 -38.01 -0.21
CA THR B 64 -19.59 -36.92 -0.27
C THR B 64 -20.01 -36.49 1.13
N CYS B 65 -20.15 -37.44 2.06
CA CYS B 65 -20.46 -37.09 3.44
C CYS B 65 -19.37 -36.24 4.06
N GLN B 66 -18.11 -36.58 3.80
CA GLN B 66 -17.00 -35.79 4.32
C GLN B 66 -17.03 -34.37 3.76
N VAL B 67 -17.30 -34.25 2.46
CA VAL B 67 -17.35 -32.93 1.85
C VAL B 67 -18.47 -32.09 2.45
N SER B 68 -19.65 -32.69 2.64
CA SER B 68 -20.77 -31.96 3.22
C SER B 68 -20.46 -31.52 4.65
N CYS B 69 -19.88 -32.42 5.45
CA CYS B 69 -19.53 -32.07 6.82
C CYS B 69 -18.55 -30.92 6.86
N LEU B 70 -17.55 -30.95 5.97
CA LEU B 70 -16.56 -29.88 5.95
C LEU B 70 -17.18 -28.56 5.50
N GLU B 71 -18.10 -28.60 4.54
CA GLU B 71 -18.79 -27.38 4.12
C GLU B 71 -19.58 -26.77 5.27
N VAL B 72 -20.31 -27.60 6.03
CA VAL B 72 -21.08 -27.08 7.16
C VAL B 72 -20.15 -26.49 8.22
N LEU B 73 -19.05 -27.19 8.51
CA LEU B 73 -18.14 -26.72 9.54
C LEU B 73 -17.47 -25.41 9.13
N ARG B 74 -17.20 -25.24 7.84
CA ARG B 74 -16.64 -23.97 7.38
C ARG B 74 -17.58 -22.81 7.67
N ILE B 75 -18.88 -23.00 7.42
CA ILE B 75 -19.85 -21.95 7.69
C ILE B 75 -19.96 -21.68 9.18
N LEU B 76 -19.98 -22.74 10.00
CA LEU B 76 -20.11 -22.52 11.44
C LEU B 76 -18.89 -21.82 12.04
N SER B 77 -17.69 -22.08 11.48
CA SER B 77 -16.48 -21.58 12.12
C SER B 77 -16.24 -20.09 11.91
N ARG B 78 -17.13 -19.38 11.19
CA ARG B 78 -16.93 -17.95 10.99
C ARG B 78 -17.06 -17.18 12.30
N ASP B 79 -18.00 -17.57 13.16
CA ASP B 79 -18.20 -16.89 14.43
C ASP B 79 -17.15 -17.31 15.45
N LYS B 80 -16.61 -16.34 16.18
CA LYS B 80 -15.43 -16.56 16.99
C LYS B 80 -15.72 -17.32 18.27
N LYS B 81 -16.92 -17.17 18.83
CA LYS B 81 -17.18 -17.70 20.18
C LYS B 81 -17.28 -19.22 20.20
N ILE B 82 -17.77 -19.83 19.13
CA ILE B 82 -17.99 -21.28 19.12
C ILE B 82 -16.67 -22.05 19.20
N LEU B 83 -15.59 -21.49 18.66
CA LEU B 83 -14.35 -22.26 18.51
C LEU B 83 -13.70 -22.57 19.85
N VAL B 84 -13.99 -21.80 20.90
CA VAL B 84 -13.24 -21.94 22.15
C VAL B 84 -13.34 -23.34 22.74
N PRO B 85 -14.52 -23.97 22.85
CA PRO B 85 -14.56 -25.34 23.39
C PRO B 85 -14.10 -26.41 22.42
N VAL B 86 -13.86 -26.08 21.14
CA VAL B 86 -13.60 -27.12 20.15
C VAL B 86 -12.26 -26.86 19.44
N THR B 87 -11.32 -26.26 20.16
CA THR B 87 -9.95 -26.09 19.65
C THR B 87 -9.04 -26.93 20.54
N THR B 88 -8.84 -28.19 20.13
CA THR B 88 -8.02 -29.12 20.88
C THR B 88 -7.11 -29.86 19.91
N LYS B 89 -6.03 -30.43 20.45
CA LYS B 89 -5.03 -31.09 19.61
C LYS B 89 -5.64 -32.27 18.86
N GLU B 90 -6.48 -33.04 19.53
CA GLU B 90 -7.10 -34.21 18.89
C GLU B 90 -7.97 -33.79 17.71
N ASN B 91 -8.67 -32.66 17.85
CA ASN B 91 -9.50 -32.19 16.75
C ASN B 91 -8.66 -31.72 15.57
N MET B 92 -7.57 -31.02 15.83
CA MET B 92 -6.74 -30.50 14.74
C MET B 92 -6.03 -31.62 14.01
N GLN B 93 -5.66 -32.69 14.71
CA GLN B 93 -4.99 -33.80 14.04
C GLN B 93 -5.90 -34.44 12.98
N ILE B 94 -7.20 -34.44 13.21
CA ILE B 94 -8.13 -34.97 12.21
C ILE B 94 -8.11 -34.13 10.94
N LEU B 95 -8.14 -32.80 11.09
CA LEU B 95 -8.09 -31.92 9.93
C LEU B 95 -6.77 -32.07 9.17
N LEU B 96 -5.66 -32.15 9.89
CA LEU B 96 -4.38 -32.37 9.22
C LEU B 96 -4.35 -33.71 8.49
N ARG B 97 -4.90 -34.75 9.10
CA ARG B 97 -4.93 -36.06 8.44
C ARG B 97 -5.76 -36.02 7.17
N LEU B 98 -6.91 -35.35 7.23
CA LEU B 98 -7.75 -35.24 6.03
C LEU B 98 -7.06 -34.43 4.93
N ALA B 99 -6.37 -33.34 5.30
CA ALA B 99 -5.77 -32.48 4.29
C ALA B 99 -4.65 -33.19 3.52
N LYS B 100 -3.76 -33.87 4.23
CA LYS B 100 -2.61 -34.52 3.59
C LYS B 100 -3.04 -35.77 2.84
N ASP B 106 -0.05 -39.81 2.30
CA ASP B 106 0.56 -38.69 1.62
C ASP B 106 0.80 -39.01 0.14
N SER B 107 -0.16 -39.69 -0.47
CA SER B 107 -0.08 -40.08 -1.87
C SER B 107 -1.17 -39.37 -2.66
N LEU B 108 -0.77 -38.72 -3.77
CA LEU B 108 -1.70 -37.93 -4.58
C LEU B 108 -2.21 -38.69 -5.79
N GLU B 109 -2.02 -40.01 -5.83
CA GLU B 109 -2.45 -40.79 -7.01
C GLU B 109 -3.96 -40.76 -7.17
N LYS B 110 -4.70 -40.86 -6.07
CA LYS B 110 -6.15 -40.81 -6.14
C LYS B 110 -6.62 -39.45 -6.61
N VAL B 111 -7.66 -39.44 -7.45
CA VAL B 111 -8.12 -38.21 -8.09
C VAL B 111 -9.43 -37.70 -7.49
N SER B 112 -10.25 -38.56 -6.92
CA SER B 112 -11.54 -38.15 -6.38
C SER B 112 -11.46 -37.49 -5.02
N GLU B 113 -10.28 -37.43 -4.41
CA GLU B 113 -10.11 -36.90 -3.07
C GLU B 113 -9.59 -35.48 -3.03
N PHE B 114 -9.51 -34.81 -4.18
CA PHE B 114 -9.08 -33.42 -4.21
C PHE B 114 -10.06 -32.48 -3.50
N PRO B 115 -11.38 -32.57 -3.71
CA PRO B 115 -12.28 -31.65 -2.98
C PRO B 115 -12.18 -31.74 -1.48
N VAL B 116 -11.93 -32.95 -0.94
CA VAL B 116 -11.75 -33.08 0.51
C VAL B 116 -10.57 -32.27 0.98
N ILE B 117 -9.45 -32.34 0.25
CA ILE B 117 -8.27 -31.57 0.60
C ILE B 117 -8.56 -30.08 0.56
N VAL B 118 -9.25 -29.63 -0.50
CA VAL B 118 -9.55 -28.20 -0.63
C VAL B 118 -10.40 -27.72 0.53
N GLU B 119 -11.44 -28.47 0.88
CA GLU B 119 -12.34 -28.05 1.95
C GLU B 119 -11.63 -28.06 3.30
N SER B 120 -10.79 -29.07 3.56
CA SER B 120 -10.05 -29.08 4.81
C SER B 120 -9.11 -27.90 4.92
N LEU B 121 -8.47 -27.52 3.81
CA LEU B 121 -7.59 -26.36 3.84
C LEU B 121 -8.37 -25.08 4.10
N LYS B 122 -9.56 -24.93 3.51
CA LYS B 122 -10.37 -23.75 3.80
C LYS B 122 -10.77 -23.70 5.28
N CYS B 123 -11.18 -24.83 5.84
CA CYS B 123 -11.54 -24.86 7.25
C CYS B 123 -10.36 -24.49 8.13
N LEU B 124 -9.17 -24.99 7.81
CA LEU B 124 -7.98 -24.64 8.58
C LEU B 124 -7.69 -23.15 8.50
N CYS B 125 -7.86 -22.55 7.31
CA CYS B 125 -7.64 -21.11 7.19
C CYS B 125 -8.57 -20.35 8.13
N ASN B 126 -9.86 -20.69 8.11
CA ASN B 126 -10.83 -19.99 8.96
C ASN B 126 -10.49 -20.16 10.44
N ILE B 127 -10.21 -21.41 10.85
CA ILE B 127 -9.97 -21.67 12.27
C ILE B 127 -8.71 -20.96 12.75
N VAL B 128 -7.63 -21.01 11.96
CA VAL B 128 -6.38 -20.39 12.39
C VAL B 128 -6.53 -18.89 12.48
N PHE B 129 -7.21 -18.27 11.51
CA PHE B 129 -7.35 -16.82 11.59
C PHE B 129 -8.22 -16.39 12.78
N ASN B 130 -9.33 -17.10 13.01
CA ASN B 130 -10.30 -16.63 14.00
C ASN B 130 -9.80 -16.81 15.43
N SER B 131 -9.27 -17.98 15.75
CA SER B 131 -8.92 -18.28 17.13
C SER B 131 -7.49 -17.86 17.44
N GLN B 132 -7.06 -18.17 18.67
CA GLN B 132 -5.72 -17.83 19.12
C GLN B 132 -4.91 -19.03 19.55
N MET B 133 -5.55 -20.04 20.15
CA MET B 133 -4.84 -21.24 20.58
C MET B 133 -4.33 -22.04 19.38
N ALA B 134 -5.02 -21.95 18.24
CA ALA B 134 -4.59 -22.68 17.05
C ALA B 134 -3.22 -22.21 16.57
N GLN B 135 -2.94 -20.91 16.68
CA GLN B 135 -1.62 -20.42 16.30
C GLN B 135 -0.54 -21.02 17.20
N GLN B 136 -0.84 -21.20 18.48
CA GLN B 136 0.13 -21.82 19.39
C GLN B 136 0.30 -23.31 19.09
N LEU B 137 -0.78 -23.99 18.70
CA LEU B 137 -0.66 -25.40 18.34
C LEU B 137 0.03 -25.60 17.00
N SER B 138 0.02 -24.58 16.12
CA SER B 138 0.67 -24.72 14.82
C SER B 138 2.17 -24.97 14.97
N LEU B 139 2.81 -24.29 15.92
CA LEU B 139 4.22 -24.55 16.17
C LEU B 139 4.46 -25.97 16.65
N GLU B 140 3.58 -26.45 17.53
CA GLU B 140 3.75 -27.79 18.09
C GLU B 140 3.59 -28.87 17.02
N LEU B 141 2.65 -28.66 16.10
CA LEU B 141 2.34 -29.70 15.13
C LEU B 141 3.21 -29.65 13.87
N ASN B 142 4.06 -28.64 13.72
CA ASN B 142 4.90 -28.46 12.53
C ASN B 142 4.06 -28.42 11.25
N LEU B 143 3.25 -27.38 11.12
CA LEU B 143 2.41 -27.27 9.93
C LEU B 143 3.19 -26.78 8.73
N ALA B 144 4.15 -25.88 8.94
CA ALA B 144 4.84 -25.24 7.83
C ALA B 144 5.63 -26.25 6.99
N ALA B 145 6.33 -27.17 7.65
CA ALA B 145 7.13 -28.14 6.92
C ALA B 145 6.25 -29.05 6.08
N LYS B 146 5.11 -29.47 6.62
CA LYS B 146 4.19 -30.30 5.85
C LYS B 146 3.61 -29.55 4.67
N LEU B 147 3.30 -28.25 4.86
CA LEU B 147 2.82 -27.44 3.75
C LEU B 147 3.86 -27.35 2.64
N CYS B 148 5.12 -27.13 3.01
CA CYS B 148 6.17 -27.04 2.00
C CYS B 148 6.37 -28.37 1.27
N ASN B 149 6.29 -29.49 1.99
CA ASN B 149 6.40 -30.79 1.34
C ASN B 149 5.25 -31.00 0.36
N LEU B 150 4.04 -30.62 0.75
CA LEU B 150 2.91 -30.73 -0.18
C LEU B 150 3.13 -29.87 -1.40
N LEU B 151 3.70 -28.67 -1.22
CA LEU B 151 3.99 -27.80 -2.36
C LEU B 151 4.99 -28.46 -3.30
N ARG B 152 6.05 -29.07 -2.75
CA ARG B 152 7.03 -29.73 -3.59
C ARG B 152 6.46 -30.95 -4.29
N LYS B 153 5.46 -31.61 -3.72
CA LYS B 153 4.88 -32.79 -4.35
C LYS B 153 4.04 -32.46 -5.57
N CYS B 154 3.77 -31.18 -5.84
CA CYS B 154 2.94 -30.78 -6.96
C CYS B 154 3.74 -30.20 -8.13
N LYS B 155 4.99 -30.65 -8.31
CA LYS B 155 5.87 -30.00 -9.28
C LYS B 155 5.38 -30.20 -10.70
N ASP B 156 4.98 -31.42 -11.05
CA ASP B 156 4.68 -31.74 -12.44
C ASP B 156 3.24 -32.14 -12.70
N ARG B 157 2.47 -32.46 -11.66
CA ARG B 157 1.13 -32.99 -11.86
C ARG B 157 0.19 -31.93 -12.40
N LYS B 158 -0.94 -32.39 -12.93
CA LYS B 158 -1.99 -31.53 -13.46
C LYS B 158 -3.20 -31.57 -12.54
N PHE B 159 -4.17 -30.70 -12.81
CA PHE B 159 -5.37 -30.54 -11.98
C PHE B 159 -5.01 -30.23 -10.54
N ILE B 160 -4.08 -29.31 -10.32
CA ILE B 160 -3.50 -29.07 -9.01
C ILE B 160 -3.62 -27.60 -8.60
N ASN B 161 -4.31 -26.78 -9.39
CA ASN B 161 -4.29 -25.34 -9.16
C ASN B 161 -4.97 -24.96 -7.85
N ASP B 162 -6.12 -25.57 -7.54
CA ASP B 162 -6.85 -25.20 -6.33
C ASP B 162 -6.06 -25.53 -5.07
N ILE B 163 -5.45 -26.73 -5.04
CA ILE B 163 -4.66 -27.13 -3.88
C ILE B 163 -3.49 -26.18 -3.68
N LYS B 164 -2.81 -25.81 -4.76
CA LYS B 164 -1.69 -24.88 -4.65
C LYS B 164 -2.15 -23.51 -4.17
N CYS B 165 -3.27 -23.03 -4.69
CA CYS B 165 -3.75 -21.70 -4.29
C CYS B 165 -4.08 -21.66 -2.80
N PHE B 166 -4.76 -22.68 -2.29
CA PHE B 166 -5.15 -22.64 -0.89
C PHE B 166 -4.02 -23.00 0.05
N ASP B 167 -3.06 -23.81 -0.40
CA ASP B 167 -1.82 -24.01 0.35
C ASP B 167 -1.08 -22.69 0.52
N LEU B 168 -0.95 -21.93 -0.57
CA LEU B 168 -0.27 -20.64 -0.49
C LEU B 168 -1.05 -19.66 0.40
N ARG B 169 -2.37 -19.72 0.36
CA ARG B 169 -3.17 -18.87 1.25
C ARG B 169 -2.92 -19.18 2.72
N LEU B 170 -2.89 -20.47 3.06
CA LEU B 170 -2.62 -20.85 4.45
C LEU B 170 -1.23 -20.42 4.88
N LEU B 171 -0.23 -20.59 4.00
CA LEU B 171 1.12 -20.12 4.32
C LEU B 171 1.14 -18.61 4.56
N PHE B 172 0.42 -17.86 3.73
CA PHE B 172 0.36 -16.41 3.90
C PHE B 172 -0.24 -16.03 5.25
N VAL B 173 -1.34 -16.69 5.64
CA VAL B 173 -1.97 -16.37 6.92
C VAL B 173 -1.03 -16.68 8.08
N LEU B 174 -0.40 -17.87 8.05
CA LEU B 174 0.50 -18.26 9.14
C LEU B 174 1.68 -17.30 9.24
N SER B 175 2.25 -16.89 8.11
CA SER B 175 3.36 -15.94 8.14
C SER B 175 2.92 -14.58 8.66
N LEU B 176 1.71 -14.14 8.28
CA LEU B 176 1.24 -12.83 8.71
C LEU B 176 1.01 -12.77 10.21
N LEU B 177 0.45 -13.83 10.81
CA LEU B 177 0.00 -13.75 12.19
C LEU B 177 1.03 -14.18 13.22
N HIS B 178 2.19 -14.69 12.80
CA HIS B 178 3.17 -15.22 13.74
C HIS B 178 4.57 -14.93 13.22
N THR B 179 5.51 -14.68 14.12
CA THR B 179 6.86 -14.32 13.72
C THR B 179 7.83 -15.49 13.73
N ASP B 180 7.66 -16.45 14.65
CA ASP B 180 8.55 -17.61 14.68
C ASP B 180 8.43 -18.41 13.39
N ILE B 181 7.21 -18.58 12.87
CA ILE B 181 7.02 -19.29 11.62
C ILE B 181 7.62 -18.52 10.46
N ARG B 182 7.54 -17.19 10.50
CA ARG B 182 8.17 -16.38 9.46
C ARG B 182 9.68 -16.58 9.45
N SER B 183 10.30 -16.58 10.64
CA SER B 183 11.74 -16.82 10.72
C SER B 183 12.09 -18.22 10.27
N GLN B 184 11.24 -19.20 10.57
CA GLN B 184 11.49 -20.56 10.10
C GLN B 184 11.44 -20.63 8.57
N LEU B 185 10.56 -19.92 7.91
CA LEU B 185 10.50 -20.06 6.46
C LEU B 185 11.72 -19.45 5.75
N ARG B 186 12.09 -18.22 6.06
CA ARG B 186 13.21 -17.58 5.38
C ARG B 186 14.60 -18.17 5.56
N TYR B 187 14.99 -18.52 6.77
CA TYR B 187 16.36 -19.01 7.03
C TYR B 187 16.53 -20.50 7.06
N GLU B 188 15.43 -21.23 7.11
CA GLU B 188 15.46 -22.67 7.17
C GLU B 188 14.33 -23.07 6.27
N LEU B 189 14.32 -24.30 5.80
CA LEU B 189 13.19 -24.73 5.00
C LEU B 189 13.26 -24.14 3.59
N GLN B 190 14.25 -23.30 3.30
CA GLN B 190 14.39 -22.84 1.91
C GLN B 190 13.19 -22.13 1.31
N GLY B 191 12.64 -21.15 2.02
CA GLY B 191 11.49 -20.42 1.52
C GLY B 191 11.63 -19.63 0.25
N LEU B 192 12.74 -18.92 0.07
CA LEU B 192 12.89 -18.05 -1.10
C LEU B 192 12.98 -18.81 -2.42
N PRO B 193 13.81 -19.84 -2.59
CA PRO B 193 13.83 -20.53 -3.88
C PRO B 193 12.50 -21.15 -4.26
N LEU B 194 11.93 -21.97 -3.39
CA LEU B 194 10.72 -22.71 -3.74
C LEU B 194 9.62 -21.79 -4.24
N LEU B 195 9.28 -20.76 -3.46
CA LEU B 195 8.24 -19.83 -3.88
C LEU B 195 8.59 -19.18 -5.20
N THR B 196 9.85 -18.76 -5.37
CA THR B 196 10.25 -18.17 -6.64
C THR B 196 9.97 -19.14 -7.79
N GLN B 197 10.34 -20.40 -7.61
CA GLN B 197 10.09 -21.39 -8.64
C GLN B 197 8.61 -21.43 -9.01
N ILE B 198 7.74 -21.33 -8.00
CA ILE B 198 6.31 -21.35 -8.27
C ILE B 198 5.95 -20.24 -9.26
N LEU B 199 6.43 -19.02 -9.01
CA LEU B 199 6.13 -17.94 -9.94
C LEU B 199 6.68 -18.26 -11.32
N GLU B 200 7.90 -18.79 -11.38
CA GLU B 200 8.51 -19.07 -12.67
C GLU B 200 7.72 -20.13 -13.43
N SER B 201 6.94 -20.94 -12.72
CA SER B 201 6.12 -21.93 -13.40
C SER B 201 4.79 -21.35 -13.86
N ALA B 202 4.31 -20.31 -13.18
CA ALA B 202 3.02 -19.73 -13.55
C ALA B 202 3.12 -18.91 -14.82
N PHE B 203 4.20 -18.13 -14.97
CA PHE B 203 4.36 -17.25 -16.12
C PHE B 203 4.92 -17.95 -17.35
N SER B 204 5.46 -19.17 -17.19
CA SER B 204 6.10 -19.90 -18.28
C SER B 204 7.27 -19.12 -18.87
N ILE B 205 8.30 -18.93 -18.05
CA ILE B 205 9.48 -18.17 -18.43
C ILE B 205 10.52 -19.13 -19.00
N LYS B 206 11.05 -18.78 -20.17
CA LYS B 206 12.16 -19.51 -20.80
C LYS B 206 13.35 -18.56 -20.89
N TRP B 207 14.39 -18.85 -20.13
CA TRP B 207 15.52 -17.93 -20.01
C TRP B 207 16.32 -17.87 -21.31
N THR B 208 16.64 -16.66 -21.74
CA THR B 208 17.53 -16.42 -22.88
C THR B 208 18.96 -16.18 -22.45
N ASP B 209 19.16 -15.40 -21.39
CA ASP B 209 20.48 -15.17 -20.83
C ASP B 209 20.45 -15.51 -19.35
N GLU B 210 21.48 -15.13 -18.59
CA GLU B 210 21.49 -15.45 -17.17
C GLU B 210 20.34 -14.77 -16.44
N TYR B 211 20.09 -13.49 -16.73
CA TYR B 211 19.04 -12.73 -16.07
C TYR B 211 18.11 -12.06 -17.07
N GLU B 212 17.88 -12.70 -18.22
CA GLU B 212 17.01 -12.15 -19.25
C GLU B 212 16.02 -13.20 -19.70
N SER B 213 14.83 -12.75 -20.10
CA SER B 213 13.77 -13.64 -20.50
C SER B 213 13.23 -13.23 -21.87
N ALA B 214 12.68 -14.19 -22.59
CA ALA B 214 12.14 -13.93 -23.92
C ALA B 214 10.69 -13.50 -23.80
N ILE B 215 10.37 -12.33 -24.33
CA ILE B 215 9.04 -11.75 -24.24
C ILE B 215 8.51 -11.53 -25.66
N ASP B 216 7.28 -11.98 -25.89
CA ASP B 216 6.61 -11.81 -27.17
C ASP B 216 5.44 -10.86 -27.01
N HIS B 217 5.34 -9.87 -27.90
CA HIS B 217 4.29 -8.86 -27.79
C HIS B 217 2.91 -9.44 -28.09
N ASN B 218 2.84 -10.42 -28.99
CA ASN B 218 1.58 -11.05 -29.35
C ASN B 218 1.24 -12.25 -28.48
N GLY B 219 1.80 -12.31 -27.27
CA GLY B 219 1.53 -13.40 -26.35
C GLY B 219 0.09 -13.42 -25.89
N PRO B 220 -0.46 -14.62 -25.67
CA PRO B 220 -1.83 -14.71 -25.19
C PRO B 220 -1.94 -14.21 -23.77
N PRO B 221 -3.11 -13.73 -23.36
CA PRO B 221 -3.28 -13.27 -21.97
C PRO B 221 -3.28 -14.45 -21.00
N LEU B 222 -3.10 -14.11 -19.72
CA LEU B 222 -3.06 -15.11 -18.68
C LEU B 222 -4.46 -15.68 -18.43
N SER B 223 -4.55 -16.59 -17.48
CA SER B 223 -5.79 -17.24 -17.07
C SER B 223 -6.13 -16.83 -15.63
N PRO B 224 -7.41 -16.91 -15.25
CA PRO B 224 -7.77 -16.51 -13.87
C PRO B 224 -7.06 -17.31 -12.79
N GLN B 225 -6.92 -18.62 -12.98
CA GLN B 225 -6.29 -19.45 -11.95
C GLN B 225 -4.80 -19.15 -11.81
N GLU B 226 -4.11 -18.96 -12.93
CA GLU B 226 -2.71 -18.55 -12.88
C GLU B 226 -2.57 -17.19 -12.21
N THR B 227 -3.50 -16.28 -12.48
CA THR B 227 -3.48 -14.98 -11.82
C THR B 227 -3.62 -15.13 -10.31
N ASP B 228 -4.54 -15.99 -9.86
CA ASP B 228 -4.73 -16.16 -8.42
C ASP B 228 -3.52 -16.80 -7.76
N CYS B 229 -2.93 -17.81 -8.41
CA CYS B 229 -1.72 -18.41 -7.85
C CYS B 229 -0.60 -17.39 -7.75
N ALA B 230 -0.43 -16.56 -8.80
CA ALA B 230 0.61 -15.55 -8.76
C ALA B 230 0.38 -14.54 -7.65
N ILE B 231 -0.87 -14.12 -7.46
CA ILE B 231 -1.17 -13.14 -6.42
C ILE B 231 -0.85 -13.69 -5.04
N GLU B 232 -1.27 -14.94 -4.78
CA GLU B 232 -1.00 -15.55 -3.47
C GLU B 232 0.50 -15.72 -3.24
N ALA B 233 1.23 -16.15 -4.28
CA ALA B 233 2.67 -16.30 -4.12
C ALA B 233 3.34 -14.97 -3.84
N LEU B 234 2.90 -13.90 -4.50
CA LEU B 234 3.50 -12.58 -4.26
C LEU B 234 3.22 -12.10 -2.84
N LYS B 235 2.02 -12.33 -2.32
CA LYS B 235 1.74 -11.93 -0.93
C LYS B 235 2.60 -12.70 0.06
N ALA B 236 2.71 -14.02 -0.13
CA ALA B 236 3.54 -14.82 0.78
C ALA B 236 4.99 -14.40 0.71
N LEU B 237 5.50 -14.12 -0.50
CA LEU B 237 6.88 -13.68 -0.64
C LEU B 237 7.10 -12.31 -0.01
N PHE B 238 6.09 -11.44 -0.01
CA PHE B 238 6.24 -10.18 0.70
C PHE B 238 6.37 -10.42 2.20
N ASN B 239 5.55 -11.32 2.75
CA ASN B 239 5.64 -11.55 4.20
C ASN B 239 6.95 -12.24 4.60
N VAL B 240 7.52 -13.07 3.72
CA VAL B 240 8.75 -13.77 4.10
C VAL B 240 9.92 -12.80 4.24
N THR B 241 10.08 -11.88 3.29
CA THR B 241 11.27 -11.04 3.19
C THR B 241 11.09 -9.65 3.79
N VAL B 242 10.34 -9.52 4.87
CA VAL B 242 10.08 -8.19 5.42
C VAL B 242 11.36 -7.59 5.99
N ASP B 243 12.16 -8.37 6.70
CA ASP B 243 13.35 -7.87 7.37
C ASP B 243 14.63 -8.12 6.56
N SER B 244 14.53 -8.13 5.23
CA SER B 244 15.70 -8.46 4.41
C SER B 244 16.67 -7.31 4.32
N TRP B 245 16.17 -6.07 4.29
CA TRP B 245 17.04 -4.94 4.04
C TRP B 245 17.89 -4.56 5.26
N LYS B 246 17.60 -5.14 6.42
CA LYS B 246 18.37 -4.79 7.61
C LYS B 246 19.82 -5.23 7.49
N VAL B 247 20.05 -6.49 7.13
CA VAL B 247 21.39 -7.03 6.99
C VAL B 247 21.48 -7.74 5.63
N HIS B 248 22.50 -7.39 4.86
CA HIS B 248 22.70 -7.96 3.54
C HIS B 248 24.12 -8.50 3.43
N LYS B 249 24.24 -9.73 2.95
CA LYS B 249 25.52 -10.38 2.73
C LYS B 249 25.82 -10.41 1.23
N GLU B 250 26.98 -10.97 0.89
CA GLU B 250 27.37 -11.08 -0.51
C GLU B 250 26.94 -12.39 -1.14
N SER B 251 26.42 -13.33 -0.37
CA SER B 251 25.98 -14.62 -0.89
C SER B 251 24.51 -14.64 -1.27
N ASP B 252 23.80 -13.52 -1.11
CA ASP B 252 22.38 -13.46 -1.40
C ASP B 252 22.06 -12.74 -2.69
N SER B 253 23.05 -12.14 -3.35
CA SER B 253 22.75 -11.33 -4.53
C SER B 253 22.20 -12.19 -5.66
N HIS B 254 22.77 -13.37 -5.87
CA HIS B 254 22.31 -14.20 -6.98
C HIS B 254 20.88 -14.65 -6.78
N GLN B 255 20.43 -14.79 -5.53
CA GLN B 255 19.05 -15.20 -5.30
C GLN B 255 18.08 -14.05 -5.52
N PHE B 256 18.47 -12.82 -5.17
CA PHE B 256 17.59 -11.68 -5.37
C PHE B 256 17.52 -11.23 -6.82
N ARG B 257 18.60 -11.43 -7.60
CA ARG B 257 18.58 -10.99 -8.98
C ARG B 257 17.60 -11.80 -9.82
N VAL B 258 17.49 -13.11 -9.55
CA VAL B 258 16.51 -13.91 -10.27
C VAL B 258 15.09 -13.46 -9.93
N MET B 259 14.86 -13.11 -8.67
CA MET B 259 13.55 -12.59 -8.28
C MET B 259 13.25 -11.28 -9.00
N ALA B 260 14.23 -10.39 -9.09
CA ALA B 260 14.02 -9.13 -9.79
C ALA B 260 13.72 -9.36 -11.27
N ALA B 261 14.41 -10.30 -11.90
CA ALA B 261 14.14 -10.61 -13.30
C ALA B 261 12.73 -11.17 -13.49
N VAL B 262 12.29 -12.04 -12.57
CA VAL B 262 10.95 -12.58 -12.65
C VAL B 262 9.91 -11.49 -12.51
N LEU B 263 10.12 -10.55 -11.58
CA LEU B 263 9.18 -9.46 -11.41
C LEU B 263 9.15 -8.54 -12.62
N ARG B 264 10.32 -8.32 -13.25
CA ARG B 264 10.34 -7.53 -14.48
C ARG B 264 9.54 -8.20 -15.58
N HIS B 265 9.64 -9.53 -15.69
CA HIS B 265 8.80 -10.21 -16.66
C HIS B 265 7.33 -10.12 -16.29
N CYS B 266 7.02 -10.07 -15.00
CA CYS B 266 5.63 -9.93 -14.58
C CYS B 266 5.06 -8.57 -14.99
N LEU B 267 5.86 -7.52 -14.89
CA LEU B 267 5.38 -6.17 -15.16
C LEU B 267 5.03 -5.93 -16.63
N LEU B 268 5.36 -6.85 -17.53
CA LEU B 268 5.21 -6.64 -18.96
C LEU B 268 4.13 -7.52 -19.58
N ILE B 269 3.21 -8.06 -18.78
CA ILE B 269 2.12 -8.86 -19.29
C ILE B 269 0.81 -8.37 -18.67
N VAL B 270 -0.30 -8.79 -19.28
CA VAL B 270 -1.62 -8.34 -18.88
C VAL B 270 -2.45 -9.54 -18.42
N GLY B 271 -3.43 -9.26 -17.58
CA GLY B 271 -4.31 -10.28 -17.06
C GLY B 271 -5.54 -10.47 -17.91
N PRO B 272 -6.56 -11.14 -17.38
CA PRO B 272 -7.78 -11.38 -18.15
C PRO B 272 -8.60 -10.11 -18.37
N THR B 273 -8.80 -9.33 -17.32
CA THR B 273 -9.58 -8.10 -17.39
C THR B 273 -8.73 -6.93 -16.91
N GLU B 274 -9.24 -5.72 -17.15
CA GLU B 274 -8.52 -4.52 -16.76
C GLU B 274 -8.51 -4.30 -15.25
N ASP B 275 -9.26 -5.09 -14.48
CA ASP B 275 -9.28 -4.93 -13.04
C ASP B 275 -8.29 -5.85 -12.34
N LYS B 276 -8.03 -7.04 -12.88
CA LYS B 276 -7.04 -7.93 -12.30
C LYS B 276 -5.61 -7.47 -12.59
N THR B 277 -5.40 -6.82 -13.73
CA THR B 277 -4.06 -6.35 -14.08
C THR B 277 -3.56 -5.33 -13.07
N GLU B 278 -4.44 -4.43 -12.62
CA GLU B 278 -4.02 -3.45 -11.62
C GLU B 278 -3.62 -4.13 -10.32
N GLU B 279 -4.38 -5.17 -9.90
CA GLU B 279 -4.02 -5.88 -8.68
C GLU B 279 -2.69 -6.61 -8.83
N LEU B 280 -2.47 -7.25 -9.98
CA LEU B 280 -1.21 -7.93 -10.21
C LEU B 280 -0.02 -6.97 -10.15
N HIS B 281 -0.14 -5.84 -10.84
CA HIS B 281 0.95 -4.88 -10.85
C HIS B 281 1.14 -4.23 -9.47
N SER B 282 0.06 -4.02 -8.73
CA SER B 282 0.19 -3.46 -7.39
C SER B 282 0.93 -4.41 -6.47
N ASN B 283 0.63 -5.70 -6.54
CA ASN B 283 1.34 -6.67 -5.72
C ASN B 283 2.81 -6.77 -6.12
N ALA B 284 3.10 -6.73 -7.43
CA ALA B 284 4.48 -6.74 -7.87
C ALA B 284 5.24 -5.52 -7.35
N VAL B 285 4.61 -4.34 -7.40
CA VAL B 285 5.26 -3.13 -6.90
C VAL B 285 5.49 -3.22 -5.40
N ASN B 286 4.53 -3.81 -4.67
CA ASN B 286 4.70 -3.98 -3.23
C ASN B 286 5.89 -4.88 -2.91
N LEU B 287 6.03 -5.99 -3.65
CA LEU B 287 7.17 -6.88 -3.40
C LEU B 287 8.48 -6.23 -3.78
N LEU B 288 8.50 -5.44 -4.85
CA LEU B 288 9.75 -4.86 -5.33
C LEU B 288 10.36 -3.87 -4.35
N SER B 289 9.60 -3.42 -3.34
CA SER B 289 10.13 -2.46 -2.38
C SER B 289 10.99 -3.09 -1.30
N ASN B 290 11.08 -4.42 -1.25
CA ASN B 290 11.87 -5.12 -0.24
C ASN B 290 13.22 -5.59 -0.75
N VAL B 291 13.37 -5.76 -2.07
CA VAL B 291 14.64 -6.20 -2.65
C VAL B 291 15.70 -5.12 -2.40
N PRO B 292 16.94 -5.49 -2.07
CA PRO B 292 17.98 -4.46 -1.91
C PRO B 292 18.19 -3.66 -3.18
N VAL B 293 18.50 -2.38 -3.00
CA VAL B 293 18.53 -1.44 -4.13
C VAL B 293 19.62 -1.81 -5.12
N SER B 294 20.74 -2.36 -4.64
CA SER B 294 21.86 -2.65 -5.51
C SER B 294 21.58 -3.77 -6.49
N CYS B 295 20.49 -4.52 -6.31
CA CYS B 295 20.13 -5.63 -7.19
C CYS B 295 18.98 -5.29 -8.12
N LEU B 296 18.62 -4.02 -8.25
CA LEU B 296 17.49 -3.62 -9.07
C LEU B 296 17.89 -3.21 -10.49
N ASP B 297 19.16 -3.29 -10.85
CA ASP B 297 19.59 -2.89 -12.19
C ASP B 297 19.03 -3.81 -13.26
N VAL B 298 18.70 -5.05 -12.92
CA VAL B 298 18.14 -5.99 -13.88
C VAL B 298 16.82 -5.51 -14.47
N LEU B 299 16.24 -4.43 -13.91
CA LEU B 299 15.05 -3.85 -14.51
C LEU B 299 15.33 -3.25 -15.88
N ILE B 300 16.55 -2.77 -16.13
CA ILE B 300 16.90 -2.21 -17.42
C ILE B 300 17.95 -3.11 -18.06
N CYS B 301 17.91 -4.39 -17.72
CA CYS B 301 18.97 -5.31 -18.14
C CYS B 301 19.16 -5.39 -19.64
N PRO B 302 18.13 -5.51 -20.46
CA PRO B 302 18.38 -5.74 -21.90
C PRO B 302 19.14 -4.57 -22.52
N LEU B 303 19.94 -4.90 -23.53
CA LEU B 303 20.69 -3.89 -24.29
C LEU B 303 20.21 -3.78 -25.74
N THR B 304 19.02 -4.28 -26.04
CA THR B 304 18.47 -4.24 -27.40
C THR B 304 19.42 -4.82 -28.44
N MET B 335 10.27 2.47 -25.77
CA MET B 335 11.17 3.54 -25.37
C MET B 335 12.60 3.02 -25.30
N VAL B 336 13.54 3.77 -25.87
CA VAL B 336 14.94 3.39 -25.91
C VAL B 336 15.77 4.59 -25.46
N TYR B 337 16.67 4.35 -24.51
CA TYR B 337 17.56 5.40 -24.02
C TYR B 337 18.97 4.84 -23.91
N ASN B 338 19.93 5.49 -24.57
CA ASN B 338 21.35 5.14 -24.46
C ASN B 338 21.60 3.68 -24.82
N GLY B 339 20.87 3.17 -25.80
CA GLY B 339 21.02 1.78 -26.18
C GLY B 339 20.60 0.79 -25.12
N MET B 340 19.50 1.05 -24.43
CA MET B 340 18.94 0.15 -23.43
C MET B 340 17.45 0.01 -23.68
N ASN B 341 16.83 -0.93 -22.98
CA ASN B 341 15.39 -1.13 -23.05
C ASN B 341 14.76 -0.61 -21.77
N MET B 342 13.75 0.25 -21.90
CA MET B 342 13.16 0.94 -20.77
C MET B 342 11.64 0.83 -20.76
N GLU B 343 11.09 -0.35 -21.06
CA GLU B 343 9.64 -0.48 -21.07
C GLU B 343 9.08 -0.56 -19.65
N ALA B 344 9.80 -1.22 -18.74
CA ALA B 344 9.29 -1.41 -17.38
C ALA B 344 9.16 -0.07 -16.64
N ILE B 345 10.12 0.83 -16.80
CA ILE B 345 10.03 2.12 -16.14
C ILE B 345 8.85 2.91 -16.68
N HIS B 346 8.59 2.81 -18.00
CA HIS B 346 7.44 3.45 -18.58
C HIS B 346 6.14 2.90 -18.00
N VAL B 347 6.07 1.58 -17.81
CA VAL B 347 4.88 0.98 -17.22
C VAL B 347 4.67 1.51 -15.80
N LEU B 348 5.74 1.61 -15.01
CA LEU B 348 5.60 2.13 -13.66
C LEU B 348 5.12 3.58 -13.67
N LEU B 349 5.64 4.40 -14.57
CA LEU B 349 5.22 5.80 -14.65
C LEU B 349 3.74 5.91 -15.01
N ASN B 350 3.28 5.11 -15.97
CA ASN B 350 1.87 5.13 -16.33
C ASN B 350 1.00 4.68 -15.16
N PHE B 351 1.47 3.68 -14.40
CA PHE B 351 0.74 3.22 -13.23
C PHE B 351 0.54 4.35 -12.23
N MET B 352 1.61 5.09 -11.93
CA MET B 352 1.50 6.19 -10.98
C MET B 352 0.58 7.29 -11.50
N GLU B 353 0.71 7.63 -12.79
CA GLU B 353 -0.12 8.70 -13.34
C GLU B 353 -1.60 8.34 -13.30
N LYS B 354 -1.94 7.09 -13.61
CA LYS B 354 -3.34 6.68 -13.53
C LYS B 354 -3.83 6.60 -12.09
N ARG B 355 -2.94 6.29 -11.14
CA ARG B 355 -3.37 6.24 -9.74
C ARG B 355 -3.65 7.63 -9.18
N ILE B 356 -2.93 8.65 -9.65
CA ILE B 356 -3.19 10.01 -9.16
C ILE B 356 -4.59 10.48 -9.55
N ASP B 357 -5.09 10.07 -10.71
CA ASP B 357 -6.31 10.66 -11.27
C ASP B 357 -7.49 10.53 -10.31
N LYS B 358 -7.77 9.34 -9.81
CA LYS B 358 -8.81 9.19 -8.81
C LYS B 358 -8.35 9.80 -7.49
N GLY B 359 -9.25 10.52 -6.83
CA GLY B 359 -8.87 11.34 -5.70
C GLY B 359 -9.06 10.71 -4.33
N SER B 360 -9.14 9.40 -4.26
CA SER B 360 -9.46 8.70 -3.03
C SER B 360 -8.27 7.88 -2.55
N SER B 361 -7.97 7.97 -1.25
CA SER B 361 -6.98 7.13 -0.58
C SER B 361 -5.60 7.27 -1.21
N TYR B 362 -5.03 8.47 -1.05
CA TYR B 362 -3.69 8.72 -1.55
C TYR B 362 -2.63 8.06 -0.68
N ARG B 363 -2.92 7.85 0.61
CA ARG B 363 -1.90 7.33 1.52
C ARG B 363 -1.53 5.90 1.18
N GLU B 364 -2.51 5.06 0.87
CA GLU B 364 -2.28 3.65 0.59
C GLU B 364 -2.15 3.35 -0.89
N GLY B 365 -2.14 4.37 -1.76
CA GLY B 365 -2.09 4.12 -3.18
C GLY B 365 -0.91 4.77 -3.88
N LEU B 366 -0.25 5.73 -3.25
CA LEU B 366 0.83 6.46 -3.88
C LEU B 366 2.15 6.38 -3.13
N THR B 367 2.20 5.79 -1.95
CA THR B 367 3.46 5.76 -1.24
C THR B 367 4.41 4.68 -1.77
N PRO B 368 3.97 3.43 -1.98
CA PRO B 368 4.92 2.42 -2.46
C PRO B 368 5.57 2.74 -3.80
N VAL B 369 4.79 3.16 -4.80
CA VAL B 369 5.35 3.36 -6.13
C VAL B 369 6.29 4.56 -6.16
N LEU B 370 5.93 5.64 -5.48
CA LEU B 370 6.81 6.80 -5.42
C LEU B 370 8.11 6.49 -4.68
N SER B 371 8.02 5.73 -3.57
CA SER B 371 9.23 5.33 -2.87
C SER B 371 10.12 4.46 -3.73
N LEU B 372 9.52 3.51 -4.47
CA LEU B 372 10.31 2.64 -5.33
C LEU B 372 11.00 3.44 -6.44
N LEU B 373 10.28 4.38 -7.05
CA LEU B 373 10.88 5.18 -8.12
C LEU B 373 12.01 6.05 -7.60
N THR B 374 11.84 6.66 -6.42
CA THR B 374 12.92 7.46 -5.86
C THR B 374 14.14 6.60 -5.54
N GLU B 375 13.93 5.42 -4.98
CA GLU B 375 15.07 4.55 -4.64
C GLU B 375 15.79 4.08 -5.90
N CYS B 376 15.04 3.76 -6.95
CA CYS B 376 15.69 3.38 -8.21
C CYS B 376 16.48 4.54 -8.79
N SER B 377 15.93 5.76 -8.75
CA SER B 377 16.61 6.89 -9.38
C SER B 377 17.83 7.34 -8.60
N ARG B 378 17.85 7.14 -7.28
CA ARG B 378 18.99 7.60 -6.49
C ARG B 378 20.27 6.86 -6.87
N ALA B 379 20.19 5.55 -7.09
CA ALA B 379 21.37 4.72 -7.18
C ALA B 379 21.85 4.45 -8.61
N HIS B 380 21.01 4.70 -9.61
CA HIS B 380 21.37 4.40 -10.99
C HIS B 380 21.37 5.68 -11.82
N ARG B 381 21.98 5.60 -13.00
CA ARG B 381 22.17 6.77 -13.84
C ARG B 381 21.25 6.80 -15.05
N ASN B 382 21.04 5.67 -15.71
CA ASN B 382 20.18 5.67 -16.88
C ASN B 382 18.73 5.93 -16.50
N ILE B 383 18.27 5.34 -15.39
CA ILE B 383 16.88 5.50 -14.99
C ILE B 383 16.57 6.95 -14.64
N ARG B 384 17.48 7.61 -13.91
CA ARG B 384 17.26 9.00 -13.53
C ARG B 384 17.17 9.90 -14.75
N LYS B 385 18.07 9.72 -15.73
CA LYS B 385 18.05 10.57 -16.90
C LYS B 385 16.81 10.33 -17.75
N PHE B 386 16.41 9.06 -17.91
CA PHE B 386 15.19 8.78 -18.66
C PHE B 386 13.99 9.45 -18.00
N LEU B 387 13.86 9.31 -16.68
CA LEU B 387 12.70 9.88 -16.01
C LEU B 387 12.73 11.40 -16.07
N LYS B 388 13.91 12.01 -15.95
CA LYS B 388 13.98 13.46 -16.04
C LYS B 388 13.56 13.95 -17.42
N ASP B 389 13.98 13.27 -18.47
CA ASP B 389 13.55 13.68 -19.81
C ASP B 389 12.07 13.41 -20.04
N GLN B 390 11.48 12.46 -19.32
CA GLN B 390 10.07 12.14 -19.55
C GLN B 390 9.11 13.00 -18.72
N VAL B 391 9.53 13.45 -17.53
CA VAL B 391 8.63 14.16 -16.63
C VAL B 391 8.81 15.68 -16.74
N LEU B 392 10.05 16.15 -16.88
CA LEU B 392 10.35 17.58 -16.88
C LEU B 392 11.07 17.95 -18.16
N PRO B 393 10.36 18.05 -19.28
CA PRO B 393 10.99 18.44 -20.54
C PRO B 393 11.44 19.90 -20.48
N PRO B 394 12.25 20.35 -21.43
CA PRO B 394 12.70 21.74 -21.41
C PRO B 394 11.53 22.72 -21.45
N LEU B 395 11.67 23.80 -20.69
CA LEU B 395 10.56 24.71 -20.44
C LEU B 395 10.30 25.60 -21.65
N ARG B 396 9.03 25.64 -22.08
CA ARG B 396 8.61 26.48 -23.19
C ARG B 396 7.37 27.30 -22.91
N ASP B 397 6.53 26.90 -21.95
CA ASP B 397 5.33 27.64 -21.58
C ASP B 397 5.59 28.39 -20.29
N VAL B 398 5.59 29.72 -20.37
CA VAL B 398 5.98 30.57 -19.25
C VAL B 398 4.84 31.44 -18.75
N THR B 399 3.76 31.58 -19.53
CA THR B 399 2.64 32.44 -19.15
C THR B 399 1.56 31.72 -18.36
N ASN B 400 1.85 30.55 -17.80
CA ASN B 400 0.90 29.83 -16.96
C ASN B 400 1.57 29.45 -15.64
N ARG B 401 0.76 29.40 -14.58
CA ARG B 401 1.26 28.96 -13.28
C ARG B 401 1.52 27.46 -13.30
N PRO B 402 2.45 26.98 -12.48
CA PRO B 402 2.73 25.53 -12.45
C PRO B 402 1.54 24.69 -12.02
N GLU B 403 0.66 25.22 -11.16
CA GLU B 403 -0.42 24.41 -10.61
C GLU B 403 -1.51 24.15 -11.63
N VAL B 404 -1.74 25.08 -12.55
CA VAL B 404 -2.84 24.96 -13.49
C VAL B 404 -2.36 24.23 -14.75
N GLY B 405 -3.06 23.18 -15.12
CA GLY B 405 -2.68 22.40 -16.29
C GLY B 405 -3.12 20.96 -16.13
N SER B 406 -2.73 20.16 -17.13
CA SER B 406 -3.10 18.75 -17.17
C SER B 406 -1.94 17.80 -17.46
N THR B 407 -0.71 18.29 -17.49
CA THR B 407 0.44 17.43 -17.69
C THR B 407 0.86 16.80 -16.36
N VAL B 408 1.76 15.82 -16.43
CA VAL B 408 2.17 15.09 -15.23
C VAL B 408 2.92 16.00 -14.28
N ARG B 409 3.70 16.96 -14.80
CA ARG B 409 4.37 17.92 -13.94
C ARG B 409 3.37 18.72 -13.13
N ASN B 410 2.26 19.11 -13.76
CA ASN B 410 1.25 19.89 -13.06
C ASN B 410 0.61 19.09 -11.93
N LYS B 411 0.33 17.80 -12.16
CA LYS B 411 -0.26 16.97 -11.11
C LYS B 411 0.69 16.80 -9.95
N LEU B 412 1.96 16.52 -10.24
CA LEU B 412 2.92 16.35 -9.16
C LEU B 412 3.15 17.65 -8.41
N VAL B 413 3.04 18.80 -9.07
CA VAL B 413 3.18 20.07 -8.37
C VAL B 413 1.97 20.35 -7.50
N ARG B 414 0.77 20.01 -7.99
CA ARG B 414 -0.43 20.17 -7.19
C ARG B 414 -0.39 19.32 -5.93
N LEU B 415 0.21 18.13 -6.02
CA LEU B 415 0.28 17.25 -4.86
C LEU B 415 1.17 17.79 -3.74
N MET B 416 1.95 18.84 -3.99
CA MET B 416 2.96 19.28 -3.02
C MET B 416 2.37 20.05 -1.84
N THR B 417 1.13 20.52 -1.95
CA THR B 417 0.44 21.19 -0.84
C THR B 417 -0.77 20.34 -0.47
N HIS B 418 -0.56 19.41 0.45
CA HIS B 418 -1.56 18.43 0.86
C HIS B 418 -1.62 18.40 2.37
N VAL B 419 -2.78 18.02 2.91
CA VAL B 419 -2.93 17.95 4.36
C VAL B 419 -2.09 16.81 4.93
N ASP B 420 -1.99 15.70 4.22
CA ASP B 420 -1.20 14.56 4.67
C ASP B 420 0.28 14.90 4.62
N LEU B 421 1.06 14.29 5.51
CA LEU B 421 2.49 14.57 5.55
C LEU B 421 3.30 13.62 4.67
N GLY B 422 2.98 12.33 4.69
CA GLY B 422 3.74 11.39 3.88
C GLY B 422 3.66 11.71 2.40
N VAL B 423 2.46 11.97 1.90
CA VAL B 423 2.29 12.27 0.48
C VAL B 423 3.00 13.56 0.10
N LYS B 424 2.80 14.61 0.90
CA LYS B 424 3.38 15.91 0.57
C LYS B 424 4.89 15.91 0.73
N GLN B 425 5.47 14.94 1.44
CA GLN B 425 6.93 14.87 1.47
C GLN B 425 7.50 14.01 0.36
N ILE B 426 6.88 12.86 0.07
CA ILE B 426 7.43 11.98 -0.94
C ILE B 426 7.28 12.59 -2.33
N ALA B 427 6.17 13.28 -2.60
CA ALA B 427 5.99 13.89 -3.92
C ALA B 427 6.99 15.01 -4.16
N ALA B 428 7.42 15.71 -3.12
CA ALA B 428 8.46 16.71 -3.28
C ALA B 428 9.83 16.08 -3.45
N GLU B 429 10.12 15.02 -2.70
CA GLU B 429 11.43 14.39 -2.82
C GLU B 429 11.64 13.75 -4.18
N PHE B 430 10.58 13.20 -4.78
CA PHE B 430 10.74 12.60 -6.10
C PHE B 430 11.20 13.62 -7.13
N LEU B 431 10.59 14.81 -7.12
CA LEU B 431 11.03 15.85 -8.05
C LEU B 431 12.38 16.42 -7.65
N PHE B 432 12.70 16.42 -6.36
CA PHE B 432 13.99 16.96 -5.94
C PHE B 432 15.15 16.09 -6.39
N VAL B 433 14.95 14.77 -6.45
CA VAL B 433 16.03 13.88 -6.89
C VAL B 433 16.37 14.11 -8.36
N LEU B 434 15.34 14.24 -9.21
CA LEU B 434 15.58 14.34 -10.66
C LEU B 434 16.41 15.56 -11.02
N CYS B 435 16.35 16.61 -10.21
CA CYS B 435 17.07 17.85 -10.47
C CYS B 435 18.46 17.86 -9.83
N LYS B 436 19.04 16.69 -9.56
CA LYS B 436 20.38 16.55 -9.00
C LYS B 436 20.52 17.24 -7.65
N GLU B 437 19.42 17.40 -6.91
CA GLU B 437 19.44 17.99 -5.57
C GLU B 437 20.04 19.39 -5.58
N ARG B 438 19.69 20.19 -6.58
CA ARG B 438 20.07 21.60 -6.63
C ARG B 438 18.81 22.45 -6.48
N VAL B 439 18.89 23.45 -5.60
CA VAL B 439 17.73 24.29 -5.36
C VAL B 439 17.40 25.12 -6.60
N ASP B 440 18.42 25.62 -7.29
CA ASP B 440 18.20 26.52 -8.41
C ASP B 440 17.42 25.85 -9.53
N SER B 441 17.66 24.56 -9.76
CA SER B 441 16.92 23.84 -10.80
C SER B 441 15.53 23.44 -10.34
N LEU B 442 15.31 23.30 -9.04
CA LEU B 442 13.97 22.99 -8.55
C LEU B 442 13.07 24.21 -8.60
N LEU B 443 13.58 25.38 -8.21
CA LEU B 443 12.76 26.58 -8.21
C LEU B 443 12.35 27.00 -9.62
N LYS B 444 13.04 26.57 -10.65
CA LYS B 444 12.64 26.94 -11.99
C LYS B 444 11.34 26.26 -12.32
N TYR B 445 11.32 24.93 -12.27
CA TYR B 445 10.11 24.19 -12.57
C TYR B 445 8.92 24.36 -11.62
N THR B 446 9.13 24.38 -10.31
CA THR B 446 8.00 24.46 -9.37
C THR B 446 7.63 25.82 -8.74
N GLY B 447 8.60 26.57 -8.25
CA GLY B 447 8.32 27.84 -7.59
C GLY B 447 8.72 27.74 -6.13
N TYR B 448 9.07 28.86 -5.48
CA TYR B 448 9.41 28.85 -4.07
C TYR B 448 8.20 28.57 -3.19
N GLY B 449 7.02 29.03 -3.61
CA GLY B 449 5.85 28.85 -2.78
C GLY B 449 5.49 27.39 -2.57
N ASN B 450 5.57 26.60 -3.63
CA ASN B 450 5.27 25.17 -3.52
C ASN B 450 6.38 24.38 -2.84
N ALA B 451 7.63 24.82 -2.94
CA ALA B 451 8.77 24.10 -2.39
C ALA B 451 9.18 24.57 -1.01
N ALA B 452 8.46 25.53 -0.42
CA ALA B 452 8.84 26.05 0.89
C ALA B 452 8.81 24.97 1.96
N GLY B 453 7.82 24.08 1.91
CA GLY B 453 7.73 23.04 2.94
C GLY B 453 8.92 22.09 2.90
N LEU B 454 9.27 21.60 1.71
CA LEU B 454 10.42 20.72 1.58
C LEU B 454 11.71 21.43 1.95
N LEU B 455 11.86 22.69 1.54
CA LEU B 455 13.07 23.42 1.89
C LEU B 455 13.20 23.58 3.40
N ALA B 456 12.09 23.86 4.09
CA ALA B 456 12.15 24.03 5.54
C ALA B 456 12.42 22.71 6.24
N ALA B 457 11.89 21.60 5.71
CA ALA B 457 12.10 20.31 6.36
C ALA B 457 13.57 19.90 6.32
N ARG B 458 14.25 20.14 5.21
CA ARG B 458 15.63 19.69 5.03
C ARG B 458 16.65 20.65 5.61
N GLY B 459 16.23 21.75 6.21
CA GLY B 459 17.14 22.65 6.87
C GLY B 459 17.82 23.67 5.99
N LEU B 460 17.44 23.75 4.71
CA LEU B 460 18.02 24.71 3.78
C LEU B 460 16.89 25.53 3.16
N LEU B 461 16.83 26.81 3.52
CA LEU B 461 15.85 27.73 2.97
C LEU B 461 16.46 28.74 2.02
N ALA B 462 17.74 28.61 1.71
CA ALA B 462 18.44 29.48 0.78
C ALA B 462 19.11 28.61 -0.28
N GLY B 463 19.88 29.26 -1.15
CA GLY B 463 20.60 28.54 -2.20
C GLY B 463 21.56 27.52 -1.65
N GLY B 464 21.45 26.28 -2.14
CA GLY B 464 22.29 25.22 -1.62
C GLY B 464 22.16 23.97 -2.47
N ARG B 465 22.83 22.91 -2.00
CA ARG B 465 22.85 21.63 -2.70
C ARG B 465 22.59 20.52 -1.69
N GLY B 466 22.25 19.35 -2.20
CA GLY B 466 22.09 18.18 -1.38
C GLY B 466 23.41 17.51 -1.04
N ASP B 467 23.33 16.51 -0.18
CA ASP B 467 24.54 15.79 0.25
C ASP B 467 25.16 15.02 -0.91
N ASN B 468 24.39 14.43 -1.77
CA ASN B 468 24.90 13.58 -2.85
C ASN B 468 25.45 14.41 -4.00
N TRP B 469 26.44 13.87 -4.70
CA TRP B 469 26.96 14.55 -5.89
C TRP B 469 26.81 13.59 -7.05
N TYR B 470 26.16 14.01 -8.12
CA TYR B 470 25.89 13.08 -9.21
C TYR B 470 26.81 13.21 -10.43
N GLU B 472 28.81 16.41 -13.37
CA GLU B 472 29.05 17.83 -13.61
C GLU B 472 27.88 18.51 -14.28
N ASP B 473 27.55 19.70 -13.83
CA ASP B 473 26.42 20.44 -14.39
C ASP B 473 26.62 20.76 -15.86
N GLU B 474 25.54 20.79 -16.61
CA GLU B 474 25.62 21.10 -18.03
C GLU B 474 24.63 22.17 -18.36
N ASP B 475 24.49 22.50 -19.63
CA ASP B 475 23.45 23.45 -20.03
C ASP B 475 22.31 22.79 -20.75
N ASP B 477 19.16 24.70 -21.34
CA ASP B 477 18.12 25.73 -21.44
C ASP B 477 17.55 26.03 -22.83
N THR B 478 16.23 26.09 -22.93
CA THR B 478 15.58 26.45 -24.19
C THR B 478 15.77 27.93 -24.50
N GLU B 479 15.69 28.33 -25.74
CA GLU B 479 15.95 29.72 -26.10
C GLU B 479 14.91 30.70 -25.65
N GLU B 480 13.67 30.31 -25.69
CA GLU B 480 12.60 31.23 -25.29
C GLU B 480 12.74 31.62 -23.82
N TYR B 481 13.09 30.67 -22.98
CA TYR B 481 13.26 30.94 -21.57
C TYR B 481 14.39 31.94 -21.39
N LYS B 482 15.40 31.90 -22.23
CA LYS B 482 16.53 32.79 -22.05
C LYS B 482 16.12 34.16 -22.35
N ASN B 483 15.14 34.33 -23.18
CA ASN B 483 14.60 35.66 -23.44
C ASN B 483 13.78 36.17 -22.27
N ALA B 484 12.97 35.27 -21.75
CA ALA B 484 12.05 35.72 -20.72
C ALA B 484 12.63 35.64 -19.31
N LYS B 485 13.85 35.26 -19.09
CA LYS B 485 14.33 35.15 -17.72
C LYS B 485 14.44 36.46 -16.97
N PRO B 486 14.93 37.52 -17.61
CA PRO B 486 15.03 38.74 -16.79
C PRO B 486 13.73 39.15 -16.12
N ASN B 487 12.60 38.98 -16.79
CA ASN B 487 11.29 39.31 -16.24
C ASN B 487 10.59 38.01 -15.85
N ILE B 488 10.93 37.50 -14.67
CA ILE B 488 10.36 36.27 -14.15
C ILE B 488 10.03 36.49 -12.68
N ASN B 489 9.10 35.70 -12.17
CA ASN B 489 8.66 35.80 -10.78
C ASN B 489 9.09 34.53 -10.05
N LEU B 490 9.98 34.67 -9.08
CA LEU B 490 10.57 33.50 -8.45
C LEU B 490 9.61 32.83 -7.46
N ILE B 491 8.83 33.62 -6.73
CA ILE B 491 7.93 33.05 -5.74
C ILE B 491 6.78 32.31 -6.41
N THR B 492 6.21 32.90 -7.45
CA THR B 492 5.04 32.29 -8.09
C THR B 492 5.46 31.27 -9.14
N GLY B 493 6.54 31.53 -9.87
CA GLY B 493 7.07 30.59 -10.83
C GLY B 493 6.65 30.78 -12.27
N HIS B 494 6.07 31.93 -12.62
CA HIS B 494 5.66 32.20 -14.00
C HIS B 494 5.92 33.66 -14.31
N LEU B 495 5.55 34.06 -15.52
CA LEU B 495 5.76 35.42 -16.00
C LEU B 495 4.48 36.22 -15.81
N GLU B 496 4.60 37.36 -15.14
CA GLU B 496 3.44 38.20 -14.83
C GLU B 496 2.65 38.58 -16.08
#